data_9N0W
#
_entry.id   9N0W
#
_cell.length_a   1.00
_cell.length_b   1.00
_cell.length_c   1.00
_cell.angle_alpha   90.00
_cell.angle_beta   90.00
_cell.angle_gamma   90.00
#
_symmetry.space_group_name_H-M   'P 1'
#
_entity_poly.entity_id   1
_entity_poly.type   'polypeptide(L)'
_entity_poly.pdbx_seq_one_letter_code
;WQMKDLQAIKQEVSQAAPGSPQFMQTIRLAVQQFDPTAKDLQDLLQYLCSSLVASLHHQQLDSLISEAETRGITGYNPLA
GPLRVQANNPQQQGLRREYQQLWLAAFAALPGSAKDPSWASILQGLEEPYHAFVERLNIALDNGLPEGTPKDPILRSLAY
SNANKECQKLLQARGHTNSPLGDMLRACQTWTP
;
_entity_poly.pdbx_strand_id   B,C,A
#
# COMPACT_ATOMS: atom_id res chain seq x y z
N TRP A 1 1.47 27.55 15.68
CA TRP A 1 1.03 26.94 16.93
C TRP A 1 1.75 27.48 18.15
N GLN A 2 1.65 26.67 19.21
CA GLN A 2 2.52 26.70 20.37
C GLN A 2 2.59 25.28 20.89
N MET A 3 3.59 25.01 21.72
CA MET A 3 3.74 23.65 22.25
C MET A 3 2.53 23.24 23.06
N LYS A 4 2.01 24.14 23.90
CA LYS A 4 0.84 23.81 24.71
C LYS A 4 -0.37 23.54 23.84
N ASP A 5 -0.58 24.34 22.80
CA ASP A 5 -1.72 24.12 21.92
C ASP A 5 -1.63 22.77 21.22
N LEU A 6 -0.44 22.41 20.74
CA LEU A 6 -0.27 21.11 20.10
C LEU A 6 -0.51 19.97 21.07
N GLN A 7 -0.01 20.10 22.30
CA GLN A 7 -0.23 19.05 23.30
C GLN A 7 -1.71 18.92 23.63
N ALA A 8 -2.42 20.04 23.75
CA ALA A 8 -3.86 20.00 24.01
C ALA A 8 -4.60 19.35 22.85
N ILE A 9 -4.21 19.67 21.62
CA ILE A 9 -4.82 19.04 20.45
C ILE A 9 -4.62 17.53 20.49
N LYS A 10 -3.40 17.09 20.83
CA LYS A 10 -3.14 15.65 20.89
C LYS A 10 -3.95 14.98 21.98
N GLN A 11 -4.03 15.59 23.17
CA GLN A 11 -4.80 14.98 24.25
C GLN A 11 -6.28 14.90 23.89
N GLU A 12 -6.81 15.92 23.21
CA GLU A 12 -8.19 15.84 22.76
C GLU A 12 -8.36 14.78 21.67
N VAL A 13 -7.31 14.57 20.86
CA VAL A 13 -7.40 13.68 19.71
C VAL A 13 -6.99 12.25 20.07
N SER A 14 -6.20 12.08 21.14
CA SER A 14 -5.56 10.79 21.42
C SER A 14 -6.53 9.63 21.43
N GLN A 15 -7.74 9.84 21.98
CA GLN A 15 -8.73 8.77 22.01
C GLN A 15 -9.36 8.52 20.64
N ALA A 16 -9.08 9.35 19.64
CA ALA A 16 -9.73 9.29 18.35
C ALA A 16 -8.79 8.77 17.29
N ALA A 17 -9.33 8.01 16.35
CA ALA A 17 -8.57 7.45 15.25
C ALA A 17 -8.22 8.56 14.25
N PRO A 18 -7.19 8.35 13.42
CA PRO A 18 -6.92 9.33 12.36
C PRO A 18 -7.99 9.28 11.29
N GLY A 19 -8.45 10.47 10.89
CA GLY A 19 -9.57 10.59 9.99
C GLY A 19 -10.92 10.54 10.63
N SER A 20 -10.99 10.34 11.95
CA SER A 20 -12.26 10.23 12.65
C SER A 20 -12.93 11.59 12.77
N PRO A 21 -14.26 11.60 12.96
CA PRO A 21 -14.94 12.87 13.20
C PRO A 21 -14.39 13.64 14.39
N GLN A 22 -14.05 12.94 15.48
CA GLN A 22 -13.42 13.62 16.61
C GLN A 22 -12.06 14.18 16.22
N PHE A 23 -11.27 13.41 15.47
CA PHE A 23 -10.01 13.91 14.94
C PHE A 23 -10.24 15.12 14.04
N MET A 24 -11.17 15.00 13.10
CA MET A 24 -11.36 16.05 12.11
C MET A 24 -11.87 17.33 12.74
N GLN A 25 -12.74 17.24 13.75
CA GLN A 25 -13.25 18.45 14.40
C GLN A 25 -12.11 19.25 15.01
N THR A 26 -11.28 18.60 15.83
CA THR A 26 -10.18 19.29 16.48
C THR A 26 -9.17 19.80 15.47
N ILE A 27 -8.86 19.01 14.44
CA ILE A 27 -7.84 19.42 13.50
C ILE A 27 -8.32 20.58 12.64
N ARG A 28 -9.59 20.55 12.23
CA ARG A 28 -10.15 21.68 11.49
C ARG A 28 -10.18 22.94 12.36
N LEU A 29 -10.52 22.80 13.64
CA LEU A 29 -10.49 23.96 14.52
C LEU A 29 -9.08 24.52 14.65
N ALA A 30 -8.08 23.64 14.78
CA ALA A 30 -6.70 24.11 14.86
C ALA A 30 -6.28 24.81 13.59
N VAL A 31 -6.63 24.26 12.44
CA VAL A 31 -6.29 24.89 11.16
C VAL A 31 -6.95 26.26 11.05
N GLN A 32 -8.22 26.35 11.44
CA GLN A 32 -8.94 27.62 11.35
C GLN A 32 -8.34 28.67 12.28
N GLN A 33 -8.03 28.28 13.52
CA GLN A 33 -7.59 29.26 14.50
C GLN A 33 -6.15 29.70 14.26
N PHE A 34 -5.26 28.76 13.97
CA PHE A 34 -3.84 29.07 13.93
C PHE A 34 -3.33 29.46 12.54
N ASP A 35 -4.11 29.23 11.49
CA ASP A 35 -3.71 29.55 10.12
C ASP A 35 -2.32 28.99 9.79
N PRO A 36 -2.14 27.68 9.81
CA PRO A 36 -0.81 27.11 9.71
C PRO A 36 -0.33 26.99 8.28
N THR A 37 0.99 27.09 8.12
CA THR A 37 1.62 26.94 6.83
C THR A 37 1.91 25.46 6.58
N ALA A 38 2.65 25.16 5.52
CA ALA A 38 2.99 23.78 5.22
C ALA A 38 3.92 23.19 6.27
N LYS A 39 4.89 23.96 6.75
CA LYS A 39 5.81 23.46 7.77
C LYS A 39 5.07 23.17 9.07
N ASP A 40 4.20 24.07 9.50
CA ASP A 40 3.45 23.86 10.73
C ASP A 40 2.53 22.64 10.62
N LEU A 41 1.87 22.49 9.47
CA LEU A 41 1.00 21.34 9.26
C LEU A 41 1.80 20.04 9.24
N GLN A 42 2.98 20.06 8.63
CA GLN A 42 3.82 18.86 8.60
C GLN A 42 4.25 18.50 10.02
N ASP A 43 4.62 19.51 10.81
CA ASP A 43 4.99 19.27 12.21
C ASP A 43 3.83 18.68 12.99
N LEU A 44 2.63 19.24 12.80
CA LEU A 44 1.46 18.74 13.52
C LEU A 44 1.16 17.30 13.12
N LEU A 45 1.28 16.99 11.83
CA LEU A 45 1.04 15.62 11.37
C LEU A 45 2.05 14.65 11.97
N GLN A 46 3.33 15.03 12.02
CA GLN A 46 4.32 14.17 12.65
C GLN A 46 4.05 14.01 14.14
N TYR A 47 3.56 15.06 14.79
CA TYR A 47 3.33 14.98 16.23
C TYR A 47 2.15 14.10 16.56
N LEU A 48 1.05 14.22 15.82
CA LEU A 48 -0.15 13.45 16.13
C LEU A 48 -0.07 12.04 15.58
N CYS A 49 0.03 11.90 14.26
CA CYS A 49 -0.07 10.62 13.60
C CYS A 49 1.29 9.93 13.56
N SER A 50 1.26 8.61 13.65
CA SER A 50 2.49 7.82 13.61
C SER A 50 3.12 7.91 12.23
N SER A 51 4.32 7.32 12.10
CA SER A 51 5.07 7.41 10.85
C SER A 51 4.31 6.74 9.71
N LEU A 52 3.70 5.59 9.97
CA LEU A 52 2.96 4.89 8.93
C LEU A 52 1.73 5.67 8.50
N VAL A 53 0.97 6.19 9.47
CA VAL A 53 -0.19 7.00 9.13
C VAL A 53 0.24 8.32 8.50
N ALA A 54 1.40 8.84 8.90
CA ALA A 54 1.95 10.01 8.23
C ALA A 54 2.23 9.72 6.76
N SER A 55 2.80 8.55 6.46
CA SER A 55 3.07 8.19 5.08
C SER A 55 1.77 8.03 4.28
N LEU A 56 0.77 7.39 4.87
CA LEU A 56 -0.52 7.26 4.17
C LEU A 56 -1.15 8.62 3.91
N HIS A 57 -1.12 9.51 4.89
CA HIS A 57 -1.68 10.84 4.69
C HIS A 57 -0.87 11.62 3.65
N HIS A 58 0.45 11.43 3.61
CA HIS A 58 1.24 12.10 2.60
C HIS A 58 0.91 11.57 1.21
N GLN A 59 0.65 10.26 1.10
CA GLN A 59 0.21 9.71 -0.18
C GLN A 59 -1.10 10.33 -0.62
N GLN A 60 -2.07 10.41 0.30
CA GLN A 60 -3.35 11.02 -0.03
C GLN A 60 -3.20 12.49 -0.40
N LEU A 61 -2.37 13.23 0.35
CA LEU A 61 -2.15 14.63 0.07
C LEU A 61 -1.45 14.83 -1.26
N ASP A 62 -0.49 13.96 -1.60
CA ASP A 62 0.17 14.07 -2.89
C ASP A 62 -0.82 13.84 -4.03
N SER A 63 -1.70 12.84 -3.87
CA SER A 63 -2.73 12.64 -4.88
C SER A 63 -3.64 13.85 -5.01
N LEU A 64 -4.08 14.40 -3.88
CA LEU A 64 -4.99 15.54 -3.91
C LEU A 64 -4.31 16.77 -4.52
N ILE A 65 -3.04 17.01 -4.18
CA ILE A 65 -2.32 18.16 -4.71
C ILE A 65 -2.10 18.00 -6.20
N SER A 66 -1.74 16.79 -6.65
CA SER A 66 -1.58 16.55 -8.07
C SER A 66 -2.88 16.80 -8.82
N GLU A 67 -4.00 16.30 -8.29
CA GLU A 67 -5.29 16.53 -8.95
C GLU A 67 -5.64 18.01 -8.98
N ALA A 68 -5.44 18.71 -7.87
CA ALA A 68 -5.79 20.13 -7.80
C ALA A 68 -4.93 20.96 -8.75
N GLU A 69 -3.64 20.66 -8.82
CA GLU A 69 -2.76 21.41 -9.70
C GLU A 69 -3.02 21.07 -11.17
N THR A 70 -3.48 19.85 -11.45
CA THR A 70 -3.90 19.52 -12.80
C THR A 70 -5.16 20.29 -13.18
N ARG A 71 -6.10 20.43 -12.23
CA ARG A 71 -7.32 21.15 -12.50
C ARG A 71 -7.19 22.65 -12.26
N GLY A 72 -6.28 23.07 -11.38
CA GLY A 72 -5.96 24.47 -11.25
C GLY A 72 -6.40 25.15 -9.97
N ILE A 73 -5.46 25.36 -9.05
CA ILE A 73 -5.72 26.21 -7.89
C ILE A 73 -5.82 27.66 -8.35
N THR A 74 -6.58 28.46 -7.61
CA THR A 74 -6.86 29.83 -8.04
C THR A 74 -5.60 30.64 -8.25
N GLY A 75 -4.64 30.54 -7.32
CA GLY A 75 -3.42 31.32 -7.39
C GLY A 75 -2.14 30.54 -7.62
N TYR A 76 -2.21 29.23 -7.84
CA TYR A 76 -1.00 28.41 -7.96
C TYR A 76 -0.47 28.52 -9.39
N ASN A 77 0.68 29.15 -9.53
CA ASN A 77 1.33 29.12 -10.83
C ASN A 77 2.34 27.98 -10.89
N PRO A 78 2.60 27.40 -12.06
CA PRO A 78 3.60 26.34 -12.14
C PRO A 78 5.01 26.88 -12.07
N LEU A 79 5.36 27.49 -10.95
CA LEU A 79 6.64 28.17 -10.82
C LEU A 79 6.89 28.45 -9.34
N ALA A 80 8.12 28.88 -9.04
CA ALA A 80 8.51 29.24 -7.68
C ALA A 80 8.26 28.10 -6.70
N GLY A 81 8.52 26.89 -7.16
CA GLY A 81 8.40 25.71 -6.31
C GLY A 81 7.00 25.13 -6.32
N PRO A 82 6.86 23.94 -5.75
CA PRO A 82 5.54 23.30 -5.69
C PRO A 82 4.60 24.01 -4.74
N LEU A 83 3.40 23.44 -4.57
CA LEU A 83 2.38 24.09 -3.76
C LEU A 83 2.79 24.13 -2.29
N ARG A 84 3.53 23.10 -1.84
CA ARG A 84 4.01 23.09 -0.46
C ARG A 84 5.00 24.22 -0.19
N VAL A 85 5.89 24.49 -1.13
CA VAL A 85 6.83 25.60 -0.98
C VAL A 85 6.09 26.92 -0.99
N GLN A 86 5.15 27.09 -1.93
CA GLN A 86 4.42 28.35 -2.03
C GLN A 86 3.45 28.56 -0.87
N ALA A 87 3.13 27.50 -0.12
CA ALA A 87 2.29 27.66 1.05
C ALA A 87 3.03 28.37 2.18
N ASN A 88 4.33 28.10 2.32
CA ASN A 88 5.12 28.74 3.36
C ASN A 88 5.28 30.25 3.13
N ASN A 89 5.06 30.74 1.93
CA ASN A 89 5.16 32.16 1.66
C ASN A 89 4.04 32.91 2.35
N PRO A 90 4.33 33.90 3.18
CA PRO A 90 3.25 34.67 3.83
C PRO A 90 2.34 35.39 2.86
N GLN A 91 2.89 35.87 1.73
CA GLN A 91 2.10 36.64 0.79
C GLN A 91 0.99 35.79 0.17
N GLN A 92 1.32 34.57 -0.24
CA GLN A 92 0.36 33.70 -0.93
C GLN A 92 -0.55 33.07 0.11
N GLN A 93 -1.53 33.87 0.55
CA GLN A 93 -2.47 33.41 1.55
C GLN A 93 -3.44 32.39 0.94
N GLY A 94 -3.95 32.69 -0.26
CA GLY A 94 -4.89 31.77 -0.87
C GLY A 94 -4.31 30.39 -1.10
N LEU A 95 -3.04 30.32 -1.50
CA LEU A 95 -2.38 29.03 -1.64
C LEU A 95 -2.30 28.32 -0.29
N ARG A 96 -2.04 29.06 0.78
CA ARG A 96 -2.01 28.46 2.11
C ARG A 96 -3.36 27.88 2.49
N ARG A 97 -4.45 28.62 2.23
CA ARG A 97 -5.79 28.10 2.51
C ARG A 97 -6.11 26.86 1.70
N GLU A 98 -5.75 26.88 0.41
CA GLU A 98 -6.01 25.73 -0.44
C GLU A 98 -5.22 24.52 0.02
N TYR A 99 -3.95 24.72 0.40
CA TYR A 99 -3.16 23.62 0.93
C TYR A 99 -3.76 23.10 2.22
N GLN A 100 -4.23 24.00 3.09
CA GLN A 100 -4.86 23.57 4.33
C GLN A 100 -6.09 22.73 4.04
N GLN A 101 -6.91 23.15 3.08
CA GLN A 101 -8.12 22.40 2.75
C GLN A 101 -7.79 21.02 2.20
N LEU A 102 -6.82 20.96 1.27
CA LEU A 102 -6.43 19.67 0.71
C LEU A 102 -5.80 18.76 1.77
N TRP A 103 -4.99 19.35 2.65
CA TRP A 103 -4.35 18.59 3.73
C TRP A 103 -5.40 18.03 4.69
N LEU A 104 -6.42 18.82 5.00
CA LEU A 104 -7.52 18.33 5.84
C LEU A 104 -8.30 17.23 5.14
N ALA A 105 -8.59 17.42 3.84
CA ALA A 105 -9.35 16.42 3.10
C ALA A 105 -8.56 15.12 2.92
N ALA A 106 -7.23 15.18 2.97
CA ALA A 106 -6.43 13.98 2.86
C ALA A 106 -6.66 13.02 4.02
N PHE A 107 -6.90 13.56 5.22
CA PHE A 107 -7.18 12.71 6.37
C PHE A 107 -8.46 11.91 6.19
N ALA A 108 -9.49 12.55 5.64
CA ALA A 108 -10.81 11.92 5.57
C ALA A 108 -10.79 10.63 4.75
N ALA A 109 -9.84 10.47 3.83
CA ALA A 109 -9.77 9.27 3.02
C ALA A 109 -9.03 8.13 3.71
N LEU A 110 -8.31 8.39 4.80
CA LEU A 110 -7.64 7.32 5.52
C LEU A 110 -8.62 6.31 6.12
N PRO A 111 -9.66 6.70 6.87
CA PRO A 111 -10.59 5.69 7.38
C PRO A 111 -11.33 4.95 6.28
N GLY A 112 -11.63 5.62 5.16
CA GLY A 112 -12.27 4.94 4.05
C GLY A 112 -11.37 4.01 3.27
N SER A 113 -10.05 4.20 3.38
CA SER A 113 -9.09 3.34 2.70
C SER A 113 -8.30 2.45 3.65
N ALA A 114 -8.50 2.60 4.96
CA ALA A 114 -7.78 1.76 5.91
C ALA A 114 -8.22 0.30 5.78
N LYS A 115 -7.25 -0.60 5.84
CA LYS A 115 -7.50 -2.03 5.74
C LYS A 115 -7.53 -2.66 7.13
N ASP A 116 -8.54 -3.48 7.38
CA ASP A 116 -8.73 -4.16 8.66
C ASP A 116 -8.76 -3.16 9.81
N PRO A 117 -9.79 -2.33 9.91
CA PRO A 117 -9.82 -1.32 10.97
C PRO A 117 -10.15 -1.94 12.32
N SER A 118 -9.65 -1.28 13.37
CA SER A 118 -9.80 -1.81 14.72
C SER A 118 -11.20 -1.66 15.27
N TRP A 119 -11.99 -0.71 14.76
CA TRP A 119 -13.34 -0.51 15.29
C TRP A 119 -14.23 -1.71 15.00
N ALA A 120 -13.94 -2.45 13.92
CA ALA A 120 -14.70 -3.64 13.59
C ALA A 120 -14.22 -4.88 14.34
N SER A 121 -13.07 -4.81 15.00
CA SER A 121 -12.51 -5.94 15.72
C SER A 121 -12.94 -5.97 17.18
N ILE A 122 -13.68 -4.98 17.65
CA ILE A 122 -14.16 -4.95 19.03
C ILE A 122 -15.36 -5.89 19.13
N LEU A 123 -15.20 -7.00 19.85
CA LEU A 123 -16.21 -8.03 19.97
C LEU A 123 -16.84 -7.99 21.36
N GLN A 124 -18.00 -8.63 21.47
CA GLN A 124 -18.66 -8.73 22.75
C GLN A 124 -17.90 -9.67 23.68
N GLY A 125 -17.73 -9.24 24.93
CA GLY A 125 -17.11 -10.11 25.92
C GLY A 125 -18.00 -11.28 26.26
N LEU A 126 -17.37 -12.37 26.74
CA LEU A 126 -18.12 -13.57 27.07
C LEU A 126 -19.13 -13.30 28.17
N GLU A 127 -18.71 -12.63 29.24
CA GLU A 127 -19.60 -12.25 30.33
C GLU A 127 -20.05 -10.80 30.24
N GLU A 128 -19.65 -10.08 29.20
CA GLU A 128 -20.05 -8.69 29.06
C GLU A 128 -21.53 -8.61 28.71
N PRO A 129 -22.32 -7.81 29.42
CA PRO A 129 -23.72 -7.64 29.05
C PRO A 129 -23.85 -7.00 27.67
N TYR A 130 -24.95 -7.32 27.00
CA TYR A 130 -25.15 -6.79 25.65
C TYR A 130 -25.25 -5.26 25.65
N HIS A 131 -25.74 -4.68 26.75
CA HIS A 131 -25.79 -3.22 26.83
C HIS A 131 -24.38 -2.63 26.85
N ALA A 132 -23.47 -3.22 27.61
CA ALA A 132 -22.09 -2.75 27.63
C ALA A 132 -21.43 -2.94 26.27
N PHE A 133 -21.71 -4.07 25.62
CA PHE A 133 -21.13 -4.32 24.30
C PHE A 133 -21.63 -3.33 23.27
N VAL A 134 -22.93 -3.02 23.30
CA VAL A 134 -23.45 -2.05 22.33
C VAL A 134 -22.95 -0.65 22.64
N GLU A 135 -22.73 -0.33 23.92
CA GLU A 135 -22.13 0.95 24.26
C GLU A 135 -20.70 1.04 23.73
N ARG A 136 -19.93 -0.04 23.88
CA ARG A 136 -18.57 -0.05 23.34
C ARG A 136 -18.58 0.08 21.81
N LEU A 137 -19.51 -0.61 21.16
CA LEU A 137 -19.61 -0.52 19.70
C LEU A 137 -19.98 0.90 19.27
N ASN A 138 -20.90 1.54 19.98
CA ASN A 138 -21.25 2.92 19.66
C ASN A 138 -20.07 3.85 19.85
N ILE A 139 -19.31 3.65 20.93
CA ILE A 139 -18.13 4.49 21.17
C ILE A 139 -17.11 4.31 20.05
N ALA A 140 -16.86 3.06 19.66
CA ALA A 140 -15.87 2.80 18.62
C ALA A 140 -16.32 3.33 17.26
N LEU A 141 -17.59 3.12 16.92
CA LEU A 141 -18.09 3.49 15.61
C LEU A 141 -18.32 4.99 15.47
N ASP A 142 -18.74 5.67 16.54
CA ASP A 142 -18.91 7.11 16.48
C ASP A 142 -17.59 7.84 16.35
N ASN A 143 -16.46 7.15 16.53
CA ASN A 143 -15.14 7.70 16.26
C ASN A 143 -14.50 7.04 15.04
N GLY A 144 -14.31 5.73 15.07
CA GLY A 144 -13.53 5.07 14.03
C GLY A 144 -14.11 5.23 12.63
N LEU A 145 -15.44 5.26 12.52
CA LEU A 145 -16.07 5.34 11.21
C LEU A 145 -15.77 6.69 10.58
N PRO A 146 -15.64 6.77 9.25
CA PRO A 146 -15.30 8.04 8.61
C PRO A 146 -16.38 9.09 8.81
N GLU A 147 -16.10 10.28 8.28
CA GLU A 147 -17.00 11.42 8.44
C GLU A 147 -18.25 11.24 7.58
N GLY A 148 -19.41 11.25 8.24
CA GLY A 148 -20.69 11.28 7.55
C GLY A 148 -21.21 9.95 7.07
N THR A 149 -20.44 8.88 7.21
CA THR A 149 -20.91 7.57 6.79
C THR A 149 -22.04 7.10 7.71
N PRO A 150 -23.05 6.43 7.18
CA PRO A 150 -24.17 5.97 8.01
C PRO A 150 -23.69 4.98 9.06
N LYS A 151 -23.99 5.27 10.32
CA LYS A 151 -23.51 4.45 11.42
C LYS A 151 -24.57 3.46 11.90
N ASP A 152 -25.83 3.89 11.96
CA ASP A 152 -26.88 3.05 12.56
C ASP A 152 -27.01 1.70 11.88
N PRO A 153 -27.04 1.58 10.55
CA PRO A 153 -27.05 0.23 9.97
C PRO A 153 -25.82 -0.58 10.34
N ILE A 154 -24.68 0.09 10.52
CA ILE A 154 -23.48 -0.63 10.90
C ILE A 154 -23.62 -1.19 12.31
N LEU A 155 -24.24 -0.45 13.22
CA LEU A 155 -24.57 -1.06 14.52
C LEU A 155 -25.52 -2.23 14.34
N ARG A 156 -26.62 -2.03 13.59
CA ARG A 156 -27.62 -3.08 13.48
C ARG A 156 -27.04 -4.36 12.89
N SER A 157 -25.96 -4.26 12.12
CA SER A 157 -25.32 -5.45 11.60
C SER A 157 -24.26 -6.00 12.54
N LEU A 158 -23.34 -5.14 13.00
CA LEU A 158 -22.19 -5.60 13.77
C LEU A 158 -22.54 -6.02 15.19
N ALA A 159 -23.61 -5.48 15.77
CA ALA A 159 -24.00 -5.88 17.12
C ALA A 159 -24.40 -7.34 17.16
N TYR A 160 -24.97 -7.87 16.06
CA TYR A 160 -25.15 -9.30 15.95
C TYR A 160 -23.88 -9.99 15.47
N SER A 161 -23.17 -9.38 14.51
CA SER A 161 -21.97 -10.00 13.99
C SER A 161 -20.89 -10.15 15.06
N ASN A 162 -20.71 -9.12 15.89
CA ASN A 162 -19.69 -9.11 16.92
C ASN A 162 -20.21 -9.58 18.28
N ALA A 163 -21.44 -10.05 18.34
CA ALA A 163 -21.98 -10.53 19.60
C ALA A 163 -21.32 -11.85 20.01
N ASN A 164 -21.47 -12.20 21.28
CA ASN A 164 -20.99 -13.48 21.76
C ASN A 164 -21.80 -14.60 21.13
N LYS A 165 -21.16 -15.76 20.98
CA LYS A 165 -21.80 -16.88 20.28
C LYS A 165 -23.09 -17.30 20.96
N GLU A 166 -23.09 -17.36 22.29
CA GLU A 166 -24.33 -17.61 23.00
C GLU A 166 -25.32 -16.47 22.82
N CYS A 167 -24.83 -15.23 22.81
CA CYS A 167 -25.71 -14.10 22.53
C CYS A 167 -26.22 -14.14 21.10
N GLN A 168 -25.39 -14.58 20.16
CA GLN A 168 -25.85 -14.77 18.78
C GLN A 168 -26.94 -15.83 18.71
N LYS A 169 -26.78 -16.92 19.46
CA LYS A 169 -27.82 -17.94 19.50
C LYS A 169 -29.10 -17.39 20.11
N LEU A 170 -28.99 -16.55 21.15
CA LEU A 170 -30.17 -15.94 21.74
C LEU A 170 -30.86 -15.03 20.73
N LEU A 171 -30.09 -14.28 19.96
CA LEU A 171 -30.68 -13.44 18.91
C LEU A 171 -31.37 -14.29 17.86
N GLN A 172 -30.78 -15.44 17.51
CA GLN A 172 -31.40 -16.34 16.55
C GLN A 172 -32.73 -16.87 17.09
N ALA A 173 -32.75 -17.28 18.36
CA ALA A 173 -33.99 -17.76 18.97
C ALA A 173 -35.03 -16.66 19.03
N ARG A 174 -34.61 -15.44 19.38
CA ARG A 174 -35.53 -14.31 19.39
C ARG A 174 -35.97 -13.89 18.00
N GLY A 175 -35.30 -14.39 16.95
CA GLY A 175 -35.65 -13.99 15.60
C GLY A 175 -35.36 -12.55 15.27
N HIS A 176 -34.43 -11.92 15.99
CA HIS A 176 -34.12 -10.52 15.83
C HIS A 176 -32.71 -10.33 15.28
N THR A 177 -32.30 -11.21 14.38
CA THR A 177 -30.99 -11.08 13.74
C THR A 177 -30.92 -9.88 12.81
N ASN A 178 -32.06 -9.42 12.29
CA ASN A 178 -32.10 -8.25 11.41
C ASN A 178 -33.08 -7.21 11.93
N SER A 179 -33.52 -7.33 13.18
CA SER A 179 -34.43 -6.35 13.76
C SER A 179 -33.68 -5.05 14.06
N PRO A 180 -34.42 -3.95 14.24
CA PRO A 180 -33.76 -2.68 14.58
C PRO A 180 -32.97 -2.78 15.88
N LEU A 181 -32.14 -1.74 16.11
CA LEU A 181 -31.23 -1.76 17.25
C LEU A 181 -31.97 -1.86 18.57
N GLY A 182 -33.08 -1.12 18.71
CA GLY A 182 -33.85 -1.20 19.93
C GLY A 182 -34.43 -2.59 20.18
N ASP A 183 -34.87 -3.26 19.12
CA ASP A 183 -35.41 -4.60 19.26
C ASP A 183 -34.34 -5.58 19.74
N MET A 184 -33.13 -5.48 19.19
CA MET A 184 -32.05 -6.34 19.66
C MET A 184 -31.63 -5.99 21.08
N LEU A 185 -31.69 -4.70 21.43
CA LEU A 185 -31.40 -4.30 22.81
C LEU A 185 -32.41 -4.92 23.79
N ARG A 186 -33.69 -4.91 23.41
CA ARG A 186 -34.71 -5.52 24.26
C ARG A 186 -34.54 -7.03 24.33
N ALA A 187 -34.23 -7.66 23.20
CA ALA A 187 -34.17 -9.12 23.14
C ALA A 187 -33.05 -9.67 24.00
N CYS A 188 -31.89 -9.00 24.01
CA CYS A 188 -30.71 -9.49 24.70
C CYS A 188 -30.64 -9.05 26.15
N GLN A 189 -31.66 -8.35 26.66
CA GLN A 189 -31.66 -7.91 28.04
C GLN A 189 -31.66 -9.09 29.01
N THR A 190 -32.45 -10.13 28.70
CA THR A 190 -32.61 -11.26 29.60
C THR A 190 -31.35 -12.13 29.67
N TRP A 191 -30.38 -11.93 28.78
CA TRP A 191 -29.17 -12.74 28.81
C TRP A 191 -28.38 -12.49 30.09
N THR A 192 -27.76 -13.55 30.60
CA THR A 192 -26.90 -13.45 31.77
C THR A 192 -25.79 -14.49 31.62
N PRO A 193 -24.55 -14.16 31.98
CA PRO A 193 -23.43 -15.10 31.89
C PRO A 193 -23.49 -16.19 32.95
N TRP B 1 30.36 5.39 -11.83
CA TRP B 1 30.18 3.95 -11.69
C TRP B 1 30.77 3.14 -12.83
N GLN B 2 30.63 1.83 -12.69
CA GLN B 2 30.94 0.88 -13.74
C GLN B 2 30.08 -0.35 -13.53
N MET B 3 29.94 -1.15 -14.58
CA MET B 3 29.08 -2.33 -14.50
C MET B 3 29.61 -3.32 -13.47
N LYS B 4 30.93 -3.49 -13.40
CA LYS B 4 31.50 -4.43 -12.44
C LYS B 4 31.23 -3.99 -11.00
N ASP B 5 31.26 -2.68 -10.75
CA ASP B 5 30.99 -2.19 -9.40
C ASP B 5 29.56 -2.51 -8.98
N LEU B 6 28.60 -2.27 -9.87
CA LEU B 6 27.21 -2.57 -9.55
C LEU B 6 27.00 -4.06 -9.40
N GLN B 7 27.67 -4.87 -10.23
CA GLN B 7 27.53 -6.32 -10.11
C GLN B 7 28.08 -6.81 -8.77
N ALA B 8 29.22 -6.28 -8.36
CA ALA B 8 29.76 -6.64 -7.04
C ALA B 8 28.85 -6.19 -5.92
N ILE B 9 28.26 -5.00 -6.05
CA ILE B 9 27.33 -4.52 -5.04
C ILE B 9 26.12 -5.45 -4.93
N LYS B 10 25.57 -5.86 -6.07
CA LYS B 10 24.41 -6.74 -6.04
C LYS B 10 24.76 -8.11 -5.47
N GLN B 11 25.96 -8.61 -5.79
CA GLN B 11 26.41 -9.86 -5.19
C GLN B 11 26.52 -9.73 -3.68
N GLU B 12 26.97 -8.56 -3.20
CA GLU B 12 27.01 -8.31 -1.78
C GLU B 12 25.61 -8.29 -1.17
N VAL B 13 24.64 -7.71 -1.88
CA VAL B 13 23.26 -7.60 -1.40
C VAL B 13 22.40 -8.77 -1.85
N SER B 14 23.00 -9.81 -2.44
CA SER B 14 22.22 -10.91 -2.98
C SER B 14 21.35 -11.55 -1.91
N GLN B 15 21.86 -11.64 -0.67
CA GLN B 15 21.07 -12.19 0.42
C GLN B 15 20.40 -11.12 1.27
N ALA B 16 20.99 -9.93 1.35
CA ALA B 16 20.49 -8.90 2.26
C ALA B 16 19.22 -8.27 1.72
N ALA B 17 18.20 -8.20 2.56
CA ALA B 17 16.94 -7.58 2.19
C ALA B 17 17.11 -6.06 2.15
N PRO B 18 16.26 -5.36 1.40
CA PRO B 18 16.30 -3.89 1.41
C PRO B 18 16.06 -3.35 2.82
N GLY B 19 17.08 -2.69 3.35
CA GLY B 19 17.06 -2.21 4.72
C GLY B 19 17.88 -3.04 5.69
N SER B 20 18.36 -4.22 5.27
CA SER B 20 19.20 -5.04 6.11
C SER B 20 20.50 -4.31 6.42
N PRO B 21 21.09 -4.56 7.59
CA PRO B 21 22.35 -3.88 7.92
C PRO B 21 23.47 -4.12 6.92
N GLN B 22 23.60 -5.34 6.39
CA GLN B 22 24.58 -5.59 5.34
C GLN B 22 24.25 -4.78 4.09
N PHE B 23 22.99 -4.82 3.68
CA PHE B 23 22.53 -4.02 2.54
C PHE B 23 22.84 -2.55 2.76
N MET B 24 22.50 -2.02 3.93
CA MET B 24 22.71 -0.60 4.19
C MET B 24 24.20 -0.26 4.19
N GLN B 25 25.04 -1.14 4.76
CA GLN B 25 26.46 -0.87 4.78
C GLN B 25 27.04 -0.79 3.37
N THR B 26 26.74 -1.80 2.54
CA THR B 26 27.33 -1.80 1.21
C THR B 26 26.76 -0.67 0.34
N ILE B 27 25.47 -0.37 0.49
CA ILE B 27 24.89 0.72 -0.29
C ILE B 27 25.43 2.07 0.15
N ARG B 28 25.61 2.25 1.46
CA ARG B 28 26.20 3.48 1.97
C ARG B 28 27.63 3.65 1.47
N LEU B 29 28.41 2.56 1.48
CA LEU B 29 29.76 2.63 0.94
C LEU B 29 29.76 2.97 -0.54
N ALA B 30 28.84 2.37 -1.30
CA ALA B 30 28.74 2.68 -2.72
C ALA B 30 28.42 4.15 -2.95
N VAL B 31 27.47 4.68 -2.20
CA VAL B 31 27.07 6.08 -2.35
C VAL B 31 28.22 7.01 -1.97
N GLN B 32 28.93 6.68 -0.90
CA GLN B 32 30.07 7.50 -0.48
C GLN B 32 31.18 7.48 -1.53
N GLN B 33 31.49 6.29 -2.05
CA GLN B 33 32.65 6.16 -2.94
C GLN B 33 32.35 6.75 -4.31
N PHE B 34 31.19 6.44 -4.88
CA PHE B 34 30.92 6.80 -6.27
C PHE B 34 30.18 8.12 -6.42
N ASP B 35 29.69 8.70 -5.33
CA ASP B 35 29.00 9.98 -5.34
C ASP B 35 27.95 10.06 -6.45
N PRO B 36 26.99 9.14 -6.49
CA PRO B 36 26.09 9.07 -7.65
C PRO B 36 25.12 10.23 -7.70
N THR B 37 24.69 10.55 -8.91
CA THR B 37 23.66 11.55 -9.14
C THR B 37 22.29 10.93 -8.85
N ALA B 38 21.22 11.66 -9.16
CA ALA B 38 19.88 11.11 -8.96
C ALA B 38 19.53 10.07 -10.00
N LYS B 39 19.93 10.30 -11.26
CA LYS B 39 19.71 9.30 -12.30
C LYS B 39 20.49 8.03 -12.00
N ASP B 40 21.74 8.17 -11.58
CA ASP B 40 22.54 7.01 -11.20
C ASP B 40 21.92 6.27 -10.03
N LEU B 41 21.43 7.01 -9.03
CA LEU B 41 20.80 6.37 -7.88
C LEU B 41 19.53 5.64 -8.29
N GLN B 42 18.76 6.20 -9.22
CA GLN B 42 17.56 5.51 -9.71
C GLN B 42 17.92 4.24 -10.47
N ASP B 43 18.96 4.30 -11.30
CA ASP B 43 19.41 3.09 -12.00
C ASP B 43 19.85 2.02 -11.02
N LEU B 44 20.60 2.40 -9.99
CA LEU B 44 21.03 1.45 -8.97
C LEU B 44 19.84 0.87 -8.22
N LEU B 45 18.85 1.71 -7.90
CA LEU B 45 17.65 1.23 -7.22
C LEU B 45 16.91 0.21 -8.07
N GLN B 46 16.73 0.52 -9.36
CA GLN B 46 16.03 -0.40 -10.25
C GLN B 46 16.81 -1.70 -10.47
N TYR B 47 18.13 -1.66 -10.38
CA TYR B 47 18.93 -2.87 -10.58
C TYR B 47 19.03 -3.73 -9.34
N LEU B 48 19.11 -3.14 -8.14
CA LEU B 48 19.33 -3.93 -6.94
C LEU B 48 18.09 -4.75 -6.58
N CYS B 49 16.92 -4.12 -6.58
CA CYS B 49 15.74 -4.74 -5.99
C CYS B 49 14.57 -4.64 -6.97
N SER B 50 13.55 -5.47 -6.71
CA SER B 50 12.47 -5.69 -7.65
C SER B 50 11.57 -4.46 -7.77
N SER B 51 10.53 -4.59 -8.59
CA SER B 51 9.67 -3.45 -8.90
C SER B 51 8.86 -3.00 -7.68
N LEU B 52 8.34 -3.94 -6.91
CA LEU B 52 7.49 -3.58 -5.77
C LEU B 52 8.29 -2.81 -4.72
N VAL B 53 9.45 -3.34 -4.34
CA VAL B 53 10.29 -2.67 -3.36
C VAL B 53 10.85 -1.36 -3.90
N ALA B 54 11.14 -1.29 -5.20
CA ALA B 54 11.53 -0.02 -5.79
C ALA B 54 10.42 1.01 -5.67
N SER B 55 9.17 0.58 -5.89
CA SER B 55 8.04 1.49 -5.76
C SER B 55 7.86 1.96 -4.32
N LEU B 56 7.97 1.04 -3.36
CA LEU B 56 7.87 1.44 -1.96
C LEU B 56 8.98 2.41 -1.57
N HIS B 57 10.19 2.16 -2.06
CA HIS B 57 11.27 3.11 -1.80
C HIS B 57 11.00 4.45 -2.46
N HIS B 58 10.36 4.45 -3.63
CA HIS B 58 9.99 5.72 -4.25
C HIS B 58 8.98 6.47 -3.39
N GLN B 59 8.01 5.76 -2.81
CA GLN B 59 7.07 6.41 -1.91
C GLN B 59 7.79 7.00 -0.70
N GLN B 60 8.70 6.23 -0.10
CA GLN B 60 9.45 6.73 1.04
C GLN B 60 10.30 7.94 0.67
N LEU B 61 10.95 7.88 -0.49
CA LEU B 61 11.80 8.98 -0.93
C LEU B 61 10.97 10.22 -1.23
N ASP B 62 9.78 10.03 -1.80
CA ASP B 62 8.89 11.16 -2.05
C ASP B 62 8.42 11.79 -0.74
N SER B 63 8.09 10.96 0.26
CA SER B 63 7.71 11.49 1.56
C SER B 63 8.85 12.30 2.18
N LEU B 64 10.06 11.76 2.15
CA LEU B 64 11.20 12.46 2.72
C LEU B 64 11.50 13.74 1.96
N ILE B 65 11.40 13.71 0.62
CA ILE B 65 11.66 14.89 -0.19
C ILE B 65 10.64 15.98 0.12
N SER B 66 9.36 15.60 0.20
CA SER B 66 8.33 16.58 0.51
C SER B 66 8.56 17.19 1.89
N GLU B 67 8.87 16.35 2.88
CA GLU B 67 9.08 16.86 4.23
C GLU B 67 10.28 17.80 4.29
N ALA B 68 11.40 17.41 3.67
CA ALA B 68 12.60 18.23 3.71
C ALA B 68 12.43 19.52 2.91
N GLU B 69 11.75 19.44 1.76
CA GLU B 69 11.48 20.62 0.95
C GLU B 69 10.60 21.61 1.70
N THR B 70 9.57 21.09 2.39
CA THR B 70 8.74 21.97 3.20
C THR B 70 9.53 22.59 4.35
N ARG B 71 10.33 21.79 5.05
CA ARG B 71 11.14 22.32 6.14
C ARG B 71 12.27 23.19 5.62
N GLY B 72 12.99 22.72 4.61
CA GLY B 72 14.11 23.46 4.05
C GLY B 72 15.33 22.56 3.87
N ILE B 73 16.08 22.83 2.81
CA ILE B 73 17.27 22.06 2.47
C ILE B 73 18.44 23.02 2.35
N THR B 74 19.65 22.45 2.31
CA THR B 74 20.88 23.25 2.36
C THR B 74 20.96 24.24 1.22
N GLY B 75 21.02 23.74 -0.02
CA GLY B 75 21.17 24.60 -1.18
C GLY B 75 20.01 24.47 -2.15
N TYR B 76 18.80 24.36 -1.63
CA TYR B 76 17.63 24.12 -2.45
C TYR B 76 17.07 25.43 -2.99
N ASN B 77 16.86 25.48 -4.30
CA ASN B 77 16.17 26.60 -4.95
C ASN B 77 14.91 26.03 -5.59
N PRO B 78 13.76 26.13 -4.92
CA PRO B 78 12.53 25.53 -5.49
C PRO B 78 12.18 26.09 -6.85
N LEU B 79 12.52 27.35 -7.12
CA LEU B 79 12.30 27.93 -8.44
C LEU B 79 13.07 27.18 -9.52
N ALA B 80 14.21 26.59 -9.17
CA ALA B 80 15.11 26.00 -10.14
C ALA B 80 14.95 24.49 -10.27
N GLY B 81 13.74 23.96 -10.11
CA GLY B 81 13.48 22.56 -10.37
C GLY B 81 13.37 21.71 -9.12
N PRO B 82 12.86 20.49 -9.29
CA PRO B 82 12.73 19.58 -8.14
C PRO B 82 14.07 19.04 -7.69
N LEU B 83 14.04 18.29 -6.59
CA LEU B 83 15.27 17.75 -6.03
C LEU B 83 15.89 16.69 -6.93
N ARG B 84 15.06 15.79 -7.47
CA ARG B 84 15.58 14.72 -8.33
C ARG B 84 16.22 15.26 -9.61
N VAL B 85 15.81 16.44 -10.06
CA VAL B 85 16.42 17.04 -11.24
C VAL B 85 17.62 17.89 -10.85
N GLN B 86 17.51 18.64 -9.76
CA GLN B 86 18.60 19.51 -9.33
C GLN B 86 19.82 18.71 -8.88
N ALA B 87 19.61 17.48 -8.37
CA ALA B 87 20.73 16.63 -8.01
C ALA B 87 21.55 16.19 -9.22
N ASN B 88 20.97 16.26 -10.42
CA ASN B 88 21.67 15.91 -11.65
C ASN B 88 22.45 17.11 -12.21
N ASN B 89 23.26 17.74 -11.37
CA ASN B 89 24.00 18.93 -11.76
C ASN B 89 25.43 18.81 -11.28
N PRO B 90 26.41 19.09 -12.14
CA PRO B 90 27.81 19.14 -11.65
C PRO B 90 28.03 20.22 -10.61
N GLN B 91 27.26 21.31 -10.65
CA GLN B 91 27.45 22.42 -9.73
C GLN B 91 26.82 22.15 -8.36
N GLN B 92 25.55 21.73 -8.34
CA GLN B 92 24.81 21.55 -7.09
C GLN B 92 25.22 20.24 -6.43
N GLN B 93 26.45 20.25 -5.91
CA GLN B 93 26.99 19.07 -5.22
C GLN B 93 26.35 18.91 -3.85
N GLY B 94 26.19 20.02 -3.12
CA GLY B 94 25.61 19.95 -1.78
C GLY B 94 24.19 19.44 -1.76
N LEU B 95 23.39 19.76 -2.78
CA LEU B 95 22.04 19.22 -2.87
C LEU B 95 22.07 17.75 -3.27
N ARG B 96 23.05 17.34 -4.07
CA ARG B 96 23.22 15.92 -4.38
C ARG B 96 23.56 15.12 -3.14
N ARG B 97 24.34 15.71 -2.23
CA ARG B 97 24.64 15.05 -0.97
C ARG B 97 23.36 14.78 -0.18
N GLU B 98 22.49 15.80 -0.10
CA GLU B 98 21.24 15.62 0.65
C GLU B 98 20.31 14.63 -0.05
N TYR B 99 20.30 14.64 -1.38
CA TYR B 99 19.49 13.65 -2.08
C TYR B 99 20.00 12.24 -1.84
N GLN B 100 21.32 12.06 -1.79
CA GLN B 100 21.87 10.74 -1.47
C GLN B 100 21.49 10.31 -0.06
N GLN B 101 21.56 11.24 0.89
CA GLN B 101 21.17 10.91 2.27
C GLN B 101 19.69 10.53 2.33
N LEU B 102 18.83 11.26 1.61
CA LEU B 102 17.42 10.92 1.56
C LEU B 102 17.20 9.56 0.89
N TRP B 103 17.97 9.27 -0.15
CA TRP B 103 17.84 7.99 -0.85
C TRP B 103 18.18 6.84 0.08
N LEU B 104 19.23 6.99 0.88
CA LEU B 104 19.57 5.96 1.85
C LEU B 104 18.53 5.87 2.97
N ALA B 105 18.06 7.03 3.46
CA ALA B 105 17.09 7.03 4.55
C ALA B 105 15.75 6.45 4.13
N ALA B 106 15.43 6.50 2.84
CA ALA B 106 14.22 5.85 2.36
C ALA B 106 14.26 4.34 2.53
N PHE B 107 15.46 3.75 2.53
CA PHE B 107 15.60 2.31 2.77
C PHE B 107 15.37 1.96 4.24
N ALA B 108 15.60 2.91 5.14
CA ALA B 108 15.49 2.61 6.57
C ALA B 108 14.08 2.20 6.95
N ALA B 109 13.07 2.81 6.35
CA ALA B 109 11.68 2.51 6.64
C ALA B 109 11.11 1.45 5.72
N LEU B 110 11.93 0.85 4.85
CA LEU B 110 11.47 -0.11 3.88
C LEU B 110 11.19 -1.47 4.52
N PRO B 111 12.13 -2.08 5.26
CA PRO B 111 11.80 -3.35 5.92
C PRO B 111 10.69 -3.22 6.95
N GLY B 112 10.56 -2.07 7.60
CA GLY B 112 9.48 -1.87 8.54
C GLY B 112 8.12 -1.79 7.91
N SER B 113 8.06 -1.46 6.61
CA SER B 113 6.80 -1.43 5.87
C SER B 113 6.47 -2.76 5.21
N ALA B 114 7.31 -3.76 5.37
CA ALA B 114 7.06 -5.06 4.77
C ALA B 114 5.86 -5.74 5.43
N LYS B 115 5.05 -6.40 4.61
CA LYS B 115 3.88 -7.14 5.08
C LYS B 115 4.18 -8.63 5.02
N ASP B 116 3.83 -9.35 6.08
CA ASP B 116 4.19 -10.76 6.23
C ASP B 116 5.70 -10.95 6.07
N PRO B 117 6.51 -10.40 6.99
CA PRO B 117 7.96 -10.43 6.80
C PRO B 117 8.53 -11.83 6.85
N SER B 118 9.59 -12.04 6.08
CA SER B 118 10.30 -13.32 6.06
C SER B 118 11.49 -13.35 6.99
N TRP B 119 11.98 -12.19 7.43
CA TRP B 119 13.11 -12.16 8.36
C TRP B 119 12.74 -12.63 9.75
N ALA B 120 11.44 -12.80 10.03
CA ALA B 120 10.97 -13.36 11.30
C ALA B 120 10.05 -14.55 11.07
N SER B 121 10.11 -15.18 9.89
CA SER B 121 9.24 -16.29 9.53
C SER B 121 10.04 -17.56 9.27
N ILE B 122 11.28 -17.62 9.75
CA ILE B 122 12.10 -18.81 9.60
C ILE B 122 11.62 -19.84 10.62
N LEU B 123 11.24 -21.02 10.13
CA LEU B 123 10.66 -22.06 10.96
C LEU B 123 11.55 -23.29 10.98
N GLN B 124 11.55 -23.98 12.12
CA GLN B 124 12.37 -25.18 12.27
C GLN B 124 11.69 -26.37 11.60
N GLY B 125 12.52 -27.21 10.96
CA GLY B 125 12.02 -28.42 10.36
C GLY B 125 11.69 -29.48 11.39
N LEU B 126 10.95 -30.50 10.92
CA LEU B 126 10.54 -31.59 11.82
C LEU B 126 11.75 -32.35 12.36
N GLU B 127 12.71 -32.67 11.48
CA GLU B 127 13.93 -33.35 11.89
C GLU B 127 15.11 -32.41 12.01
N GLU B 128 14.88 -31.10 11.88
CA GLU B 128 15.97 -30.14 11.95
C GLU B 128 16.43 -29.97 13.40
N PRO B 129 17.74 -30.04 13.67
CA PRO B 129 18.22 -29.83 15.03
C PRO B 129 17.98 -28.40 15.49
N TYR B 130 17.86 -28.25 16.81
CA TYR B 130 17.53 -26.95 17.38
C TYR B 130 18.62 -25.91 17.13
N HIS B 131 19.89 -26.30 17.28
CA HIS B 131 20.96 -25.33 17.15
C HIS B 131 21.11 -24.85 15.71
N ALA B 132 20.89 -25.72 14.73
CA ALA B 132 20.95 -25.30 13.33
C ALA B 132 19.84 -24.32 13.01
N PHE B 133 18.62 -24.58 13.51
CA PHE B 133 17.52 -23.65 13.30
C PHE B 133 17.80 -22.32 13.99
N VAL B 134 18.37 -22.35 15.19
CA VAL B 134 18.70 -21.12 15.89
C VAL B 134 19.75 -20.32 15.12
N GLU B 135 20.77 -21.00 14.59
CA GLU B 135 21.78 -20.33 13.80
C GLU B 135 21.19 -19.71 12.54
N ARG B 136 20.30 -20.44 11.86
CA ARG B 136 19.67 -19.90 10.67
C ARG B 136 18.80 -18.71 11.01
N LEU B 137 18.08 -18.76 12.13
CA LEU B 137 17.28 -17.62 12.55
C LEU B 137 18.15 -16.40 12.84
N ASN B 138 19.28 -16.62 13.52
CA ASN B 138 20.18 -15.51 13.81
C ASN B 138 20.73 -14.90 12.52
N ILE B 139 21.10 -15.76 11.56
CA ILE B 139 21.61 -15.26 10.28
C ILE B 139 20.54 -14.48 9.54
N ALA B 140 19.31 -15.00 9.52
CA ALA B 140 18.22 -14.31 8.84
C ALA B 140 17.89 -12.98 9.52
N LEU B 141 18.04 -12.91 10.85
CA LEU B 141 17.84 -11.65 11.55
C LEU B 141 18.92 -10.65 11.16
N ASP B 142 20.18 -11.06 11.23
CA ASP B 142 21.26 -10.15 10.83
C ASP B 142 21.17 -9.76 9.37
N ASN B 143 20.44 -10.55 8.58
CA ASN B 143 20.33 -10.33 7.14
C ASN B 143 18.97 -9.79 6.71
N GLY B 144 18.01 -9.66 7.63
CA GLY B 144 16.70 -9.19 7.25
C GLY B 144 16.09 -8.11 8.12
N LEU B 145 16.68 -7.86 9.28
CA LEU B 145 16.14 -6.86 10.19
C LEU B 145 16.32 -5.45 9.63
N PRO B 146 15.51 -4.50 10.10
CA PRO B 146 15.81 -3.10 9.81
C PRO B 146 16.98 -2.59 10.65
N GLU B 147 17.64 -1.56 10.15
CA GLU B 147 18.86 -1.06 10.77
C GLU B 147 18.59 -0.53 12.17
N GLY B 148 19.46 -0.91 13.11
CA GLY B 148 19.37 -0.45 14.47
C GLY B 148 18.40 -1.21 15.36
N THR B 149 17.74 -2.23 14.84
CA THR B 149 16.76 -2.97 15.63
C THR B 149 17.46 -3.87 16.63
N PRO B 150 17.05 -3.87 17.90
CA PRO B 150 17.64 -4.80 18.88
C PRO B 150 17.30 -6.24 18.52
N LYS B 151 18.33 -7.03 18.28
CA LYS B 151 18.16 -8.41 17.81
C LYS B 151 18.09 -9.42 18.94
N ASP B 152 18.64 -9.10 20.12
CA ASP B 152 18.68 -10.06 21.22
C ASP B 152 17.29 -10.47 21.72
N PRO B 153 16.38 -9.55 22.04
CA PRO B 153 15.04 -10.00 22.49
C PRO B 153 14.26 -10.72 21.40
N ILE B 154 14.43 -10.30 20.14
CA ILE B 154 13.77 -10.98 19.03
C ILE B 154 14.27 -12.41 18.92
N LEU B 155 15.58 -12.61 19.04
CA LEU B 155 16.14 -13.96 19.02
C LEU B 155 15.64 -14.77 20.21
N ARG B 156 15.57 -14.16 21.39
CA ARG B 156 15.08 -14.88 22.56
C ARG B 156 13.64 -15.34 22.37
N SER B 157 12.78 -14.49 21.82
CA SER B 157 11.40 -14.88 21.60
C SER B 157 11.27 -15.91 20.49
N LEU B 158 12.03 -15.74 19.40
CA LEU B 158 11.88 -16.62 18.24
C LEU B 158 12.56 -17.95 18.44
N ALA B 159 13.44 -18.08 19.45
CA ALA B 159 14.04 -19.37 19.74
C ALA B 159 12.99 -20.37 20.21
N TYR B 160 11.89 -19.88 20.78
CA TYR B 160 10.79 -20.72 21.22
C TYR B 160 9.58 -20.61 20.29
N SER B 161 9.29 -19.41 19.80
CA SER B 161 8.12 -19.22 18.95
C SER B 161 8.22 -20.01 17.66
N ASN B 162 9.40 -19.99 17.03
CA ASN B 162 9.59 -20.66 15.75
C ASN B 162 10.23 -22.03 15.87
N ALA B 163 10.43 -22.52 17.09
CA ALA B 163 11.09 -23.81 17.27
C ALA B 163 10.19 -24.95 16.80
N ASN B 164 10.80 -26.11 16.59
CA ASN B 164 10.06 -27.28 16.16
C ASN B 164 9.12 -27.74 17.28
N LYS B 165 8.05 -28.43 16.88
CA LYS B 165 7.05 -28.88 17.84
C LYS B 165 7.69 -29.76 18.92
N GLU B 166 8.64 -30.61 18.53
CA GLU B 166 9.38 -31.38 19.53
C GLU B 166 10.18 -30.45 20.44
N CYS B 167 10.84 -29.45 19.86
CA CYS B 167 11.57 -28.48 20.67
C CYS B 167 10.61 -27.64 21.51
N GLN B 168 9.43 -27.33 20.96
CA GLN B 168 8.44 -26.59 21.73
C GLN B 168 7.98 -27.38 22.95
N LYS B 169 7.72 -28.68 22.77
CA LYS B 169 7.33 -29.51 23.89
C LYS B 169 8.46 -29.65 24.90
N LEU B 170 9.71 -29.77 24.42
CA LEU B 170 10.84 -29.85 25.32
C LEU B 170 10.97 -28.58 26.17
N LEU B 171 10.82 -27.41 25.54
CA LEU B 171 10.89 -26.17 26.28
C LEU B 171 9.73 -26.05 27.27
N GLN B 172 8.52 -26.42 26.85
CA GLN B 172 7.37 -26.30 27.73
C GLN B 172 7.50 -27.22 28.94
N ALA B 173 7.98 -28.45 28.73
CA ALA B 173 8.17 -29.36 29.84
C ALA B 173 9.21 -28.84 30.82
N ARG B 174 10.31 -28.27 30.30
CA ARG B 174 11.33 -27.68 31.15
C ARG B 174 10.91 -26.33 31.72
N GLY B 175 9.81 -25.75 31.24
CA GLY B 175 9.42 -24.43 31.71
C GLY B 175 10.35 -23.31 31.27
N HIS B 176 11.10 -23.52 30.19
CA HIS B 176 12.07 -22.55 29.71
C HIS B 176 11.56 -21.75 28.52
N THR B 177 10.27 -21.44 28.48
CA THR B 177 9.71 -20.71 27.34
C THR B 177 10.20 -19.27 27.26
N ASN B 178 10.42 -18.61 28.40
CA ASN B 178 10.85 -17.22 28.43
C ASN B 178 12.21 -17.05 29.10
N SER B 179 13.07 -18.06 28.98
CA SER B 179 14.37 -18.06 29.62
C SER B 179 15.36 -17.24 28.78
N PRO B 180 16.54 -16.94 29.33
CA PRO B 180 17.61 -16.39 28.49
C PRO B 180 18.00 -17.35 27.38
N LEU B 181 18.43 -16.77 26.25
CA LEU B 181 18.73 -17.57 25.05
C LEU B 181 19.80 -18.62 25.34
N GLY B 182 20.77 -18.30 26.19
CA GLY B 182 21.76 -19.29 26.56
C GLY B 182 21.15 -20.51 27.22
N ASP B 183 20.07 -20.31 27.97
CA ASP B 183 19.38 -21.43 28.59
C ASP B 183 18.64 -22.29 27.56
N MET B 184 18.07 -21.68 26.51
CA MET B 184 17.56 -22.47 25.40
C MET B 184 18.66 -23.29 24.74
N LEU B 185 19.82 -22.67 24.51
CA LEU B 185 20.90 -23.40 23.86
C LEU B 185 21.41 -24.54 24.73
N ARG B 186 21.48 -24.32 26.04
CA ARG B 186 21.96 -25.37 26.95
C ARG B 186 20.93 -26.48 27.12
N ALA B 187 19.65 -26.12 27.25
CA ALA B 187 18.61 -27.11 27.51
C ALA B 187 18.37 -28.01 26.31
N CYS B 188 18.47 -27.48 25.10
CA CYS B 188 18.25 -28.26 23.89
C CYS B 188 19.53 -28.91 23.37
N GLN B 189 20.64 -28.76 24.09
CA GLN B 189 21.90 -29.35 23.63
C GLN B 189 21.84 -30.88 23.63
N THR B 190 21.07 -31.47 24.55
CA THR B 190 21.00 -32.91 24.69
C THR B 190 19.89 -33.54 23.85
N TRP B 191 19.11 -32.74 23.12
CA TRP B 191 17.99 -33.24 22.33
C TRP B 191 18.33 -33.20 20.85
N THR B 192 17.98 -34.28 20.14
CA THR B 192 18.13 -34.35 18.70
C THR B 192 17.19 -35.41 18.14
N PRO B 193 16.35 -35.06 17.15
CA PRO B 193 15.42 -36.02 16.56
C PRO B 193 16.11 -37.03 15.64
N TRP C 1 -12.52 14.87 -24.88
CA TRP C 1 -13.58 13.92 -25.13
C TRP C 1 -14.93 14.59 -25.32
N GLN C 2 -15.96 13.76 -25.32
CA GLN C 2 -17.34 14.18 -25.16
C GLN C 2 -18.01 13.18 -24.22
N MET C 3 -19.09 13.62 -23.59
CA MET C 3 -19.71 12.81 -22.54
C MET C 3 -20.19 11.47 -23.10
N LYS C 4 -20.75 11.47 -24.31
CA LYS C 4 -21.22 10.23 -24.92
C LYS C 4 -20.06 9.27 -25.16
N ASP C 5 -18.93 9.77 -25.68
CA ASP C 5 -17.78 8.91 -25.93
C ASP C 5 -17.21 8.36 -24.63
N LEU C 6 -17.16 9.19 -23.58
CA LEU C 6 -16.68 8.72 -22.28
C LEU C 6 -17.60 7.63 -21.73
N GLN C 7 -18.91 7.81 -21.86
CA GLN C 7 -19.85 6.79 -21.40
C GLN C 7 -19.69 5.50 -22.19
N ALA C 8 -19.46 5.60 -23.50
CA ALA C 8 -19.22 4.42 -24.31
C ALA C 8 -17.95 3.70 -23.87
N ILE C 9 -16.89 4.45 -23.59
CA ILE C 9 -15.65 3.86 -23.11
C ILE C 9 -15.89 3.13 -21.79
N LYS C 10 -16.65 3.75 -20.89
CA LYS C 10 -16.98 3.11 -19.62
C LYS C 10 -17.76 1.82 -19.83
N GLN C 11 -18.77 1.85 -20.70
CA GLN C 11 -19.61 0.67 -20.90
C GLN C 11 -18.82 -0.46 -21.54
N GLU C 12 -17.88 -0.14 -22.44
CA GLU C 12 -17.04 -1.17 -23.02
C GLU C 12 -16.04 -1.71 -21.99
N VAL C 13 -15.56 -0.84 -21.11
CA VAL C 13 -14.53 -1.21 -20.13
C VAL C 13 -15.11 -1.83 -18.86
N SER C 14 -16.40 -1.61 -18.59
CA SER C 14 -16.95 -1.85 -17.26
C SER C 14 -16.71 -3.27 -16.77
N GLN C 15 -16.61 -4.25 -17.68
CA GLN C 15 -16.46 -5.63 -17.29
C GLN C 15 -15.00 -6.05 -17.10
N ALA C 16 -14.05 -5.14 -17.31
CA ALA C 16 -12.63 -5.46 -17.25
C ALA C 16 -11.96 -4.64 -16.16
N ALA C 17 -11.18 -5.32 -15.32
CA ALA C 17 -10.42 -4.63 -14.28
C ALA C 17 -9.29 -3.82 -14.92
N PRO C 18 -8.81 -2.79 -14.24
CA PRO C 18 -7.73 -1.98 -14.80
C PRO C 18 -6.53 -2.83 -15.18
N GLY C 19 -5.94 -2.53 -16.34
CA GLY C 19 -4.78 -3.22 -16.82
C GLY C 19 -5.04 -4.44 -17.67
N SER C 20 -6.30 -4.88 -17.79
CA SER C 20 -6.62 -6.04 -18.60
C SER C 20 -6.48 -5.70 -20.08
N PRO C 21 -6.27 -6.72 -20.92
CA PRO C 21 -6.15 -6.46 -22.36
C PRO C 21 -7.31 -5.68 -22.96
N GLN C 22 -8.55 -5.99 -22.58
CA GLN C 22 -9.69 -5.24 -23.09
C GLN C 22 -9.67 -3.81 -22.58
N PHE C 23 -9.41 -3.65 -21.28
CA PHE C 23 -9.26 -2.33 -20.68
C PHE C 23 -8.21 -1.51 -21.42
N MET C 24 -7.02 -2.10 -21.59
CA MET C 24 -5.92 -1.38 -22.22
C MET C 24 -6.23 -1.05 -23.67
N GLN C 25 -6.86 -1.98 -24.40
CA GLN C 25 -7.21 -1.72 -25.79
C GLN C 25 -8.16 -0.53 -25.91
N THR C 26 -9.23 -0.53 -25.10
CA THR C 26 -10.18 0.56 -25.19
C THR C 26 -9.55 1.89 -24.77
N ILE C 27 -8.75 1.88 -23.70
CA ILE C 27 -8.15 3.13 -23.23
C ILE C 27 -7.11 3.64 -24.22
N ARG C 28 -6.35 2.74 -24.84
CA ARG C 28 -5.38 3.15 -25.84
C ARG C 28 -6.07 3.74 -27.06
N LEU C 29 -7.18 3.13 -27.50
CA LEU C 29 -7.93 3.71 -28.60
C LEU C 29 -8.46 5.09 -28.23
N ALA C 30 -8.94 5.24 -27.00
CA ALA C 30 -9.43 6.54 -26.54
C ALA C 30 -8.33 7.58 -26.58
N VAL C 31 -7.15 7.24 -26.05
CA VAL C 31 -6.03 8.17 -26.00
C VAL C 31 -5.58 8.54 -27.40
N GLN C 32 -5.50 7.56 -28.30
CA GLN C 32 -5.06 7.83 -29.66
C GLN C 32 -6.06 8.72 -30.40
N GLN C 33 -7.35 8.37 -30.34
CA GLN C 33 -8.35 9.08 -31.13
C GLN C 33 -8.72 10.44 -30.57
N PHE C 34 -8.59 10.64 -29.25
CA PHE C 34 -8.99 11.90 -28.64
C PHE C 34 -7.84 12.79 -28.24
N ASP C 35 -6.63 12.25 -28.11
CA ASP C 35 -5.43 13.03 -27.79
C ASP C 35 -5.63 13.88 -26.54
N PRO C 36 -5.92 13.27 -25.40
CA PRO C 36 -6.28 14.04 -24.22
C PRO C 36 -5.09 14.68 -23.53
N THR C 37 -5.38 15.73 -22.77
CA THR C 37 -4.38 16.38 -21.93
C THR C 37 -4.34 15.71 -20.57
N ALA C 38 -3.54 16.27 -19.65
CA ALA C 38 -3.46 15.71 -18.31
C ALA C 38 -4.78 15.88 -17.56
N LYS C 39 -5.45 17.03 -17.73
CA LYS C 39 -6.74 17.23 -17.09
C LYS C 39 -7.78 16.26 -17.63
N ASP C 40 -7.82 16.07 -18.94
CA ASP C 40 -8.76 15.12 -19.53
C ASP C 40 -8.47 13.70 -19.08
N LEU C 41 -7.18 13.33 -19.01
CA LEU C 41 -6.82 12.01 -18.54
C LEU C 41 -7.20 11.81 -17.08
N GLN C 42 -7.04 12.85 -16.26
CA GLN C 42 -7.44 12.75 -14.86
C GLN C 42 -8.95 12.57 -14.74
N ASP C 43 -9.72 13.32 -15.53
CA ASP C 43 -11.17 13.14 -15.52
C ASP C 43 -11.56 11.75 -15.98
N LEU C 44 -10.90 11.25 -17.02
CA LEU C 44 -11.16 9.89 -17.50
C LEU C 44 -10.87 8.86 -16.43
N LEU C 45 -9.74 9.00 -15.74
CA LEU C 45 -9.38 8.06 -14.68
C LEU C 45 -10.39 8.11 -13.55
N GLN C 46 -10.74 9.30 -13.09
CA GLN C 46 -11.68 9.41 -11.98
C GLN C 46 -13.06 8.91 -12.36
N TYR C 47 -13.45 9.05 -13.63
CA TYR C 47 -14.76 8.56 -14.05
C TYR C 47 -14.77 7.04 -14.21
N LEU C 48 -13.69 6.47 -14.73
CA LEU C 48 -13.63 5.02 -14.87
C LEU C 48 -13.24 4.35 -13.56
N CYS C 49 -12.04 4.66 -13.08
CA CYS C 49 -11.46 3.95 -11.96
C CYS C 49 -12.08 4.42 -10.64
N SER C 50 -12.28 3.47 -9.73
CA SER C 50 -12.72 3.80 -8.39
C SER C 50 -11.64 4.60 -7.67
N SER C 51 -12.00 5.14 -6.51
CA SER C 51 -11.07 5.98 -5.77
C SER C 51 -9.81 5.21 -5.37
N LEU C 52 -9.98 3.97 -4.92
CA LEU C 52 -8.82 3.17 -4.49
C LEU C 52 -7.90 2.88 -5.66
N VAL C 53 -8.45 2.40 -6.78
CA VAL C 53 -7.59 2.03 -7.88
C VAL C 53 -7.12 3.25 -8.67
N ALA C 54 -7.85 4.37 -8.62
CA ALA C 54 -7.29 5.62 -9.14
C ALA C 54 -6.11 6.09 -8.30
N SER C 55 -6.20 5.97 -6.98
CA SER C 55 -5.07 6.30 -6.12
C SER C 55 -3.89 5.39 -6.40
N LEU C 56 -4.15 4.10 -6.64
CA LEU C 56 -3.07 3.17 -6.99
C LEU C 56 -2.44 3.55 -8.32
N HIS C 57 -3.27 3.93 -9.30
CA HIS C 57 -2.74 4.40 -10.57
C HIS C 57 -1.85 5.62 -10.38
N HIS C 58 -2.27 6.57 -9.54
CA HIS C 58 -1.44 7.74 -9.29
C HIS C 58 -0.16 7.36 -8.57
N GLN C 59 -0.23 6.40 -7.65
CA GLN C 59 0.98 5.97 -6.95
C GLN C 59 2.00 5.38 -7.91
N GLN C 60 1.54 4.63 -8.92
CA GLN C 60 2.47 4.14 -9.93
C GLN C 60 2.90 5.22 -10.92
N LEU C 61 1.98 6.12 -11.28
CA LEU C 61 2.28 7.13 -12.29
C LEU C 61 3.28 8.15 -11.77
N ASP C 62 3.21 8.48 -10.48
CA ASP C 62 4.19 9.40 -9.91
C ASP C 62 5.59 8.80 -9.97
N SER C 63 5.70 7.49 -9.69
CA SER C 63 6.99 6.82 -9.81
C SER C 63 7.49 6.83 -11.25
N LEU C 64 6.58 6.55 -12.20
CA LEU C 64 6.97 6.56 -13.60
C LEU C 64 7.43 7.95 -14.04
N ILE C 65 6.72 8.99 -13.63
CA ILE C 65 7.09 10.35 -13.99
C ILE C 65 8.40 10.75 -13.34
N SER C 66 8.64 10.32 -12.10
CA SER C 66 9.92 10.58 -11.46
C SER C 66 11.05 9.90 -12.21
N GLU C 67 10.83 8.66 -12.65
CA GLU C 67 11.82 7.97 -13.48
C GLU C 67 12.11 8.75 -14.74
N ALA C 68 11.06 9.19 -15.43
CA ALA C 68 11.24 9.90 -16.70
C ALA C 68 11.96 11.23 -16.50
N GLU C 69 11.60 11.96 -15.44
CA GLU C 69 12.22 13.26 -15.21
C GLU C 69 13.67 13.12 -14.77
N THR C 70 13.96 12.16 -13.89
CA THR C 70 15.32 11.94 -13.45
C THR C 70 16.21 11.46 -14.60
N ARG C 71 15.67 10.59 -15.46
CA ARG C 71 16.43 10.05 -16.57
C ARG C 71 16.44 10.95 -17.79
N GLY C 72 15.67 12.04 -17.79
CA GLY C 72 15.62 12.93 -18.93
C GLY C 72 14.51 12.55 -19.88
N ILE C 73 13.54 13.44 -20.06
CA ILE C 73 12.41 13.23 -20.95
C ILE C 73 12.34 14.38 -21.93
N THR C 74 12.15 14.04 -23.21
CA THR C 74 12.31 15.01 -24.28
C THR C 74 11.27 16.12 -24.19
N GLY C 75 11.72 17.36 -24.37
CA GLY C 75 10.85 18.51 -24.41
C GLY C 75 10.44 19.06 -23.06
N TYR C 76 10.87 18.45 -21.96
CA TYR C 76 10.46 18.86 -20.62
C TYR C 76 11.53 19.76 -20.03
N ASN C 77 11.17 21.00 -19.74
CA ASN C 77 12.05 21.92 -19.04
C ASN C 77 11.65 21.94 -17.58
N PRO C 78 12.50 21.49 -16.66
CA PRO C 78 12.09 21.43 -15.24
C PRO C 78 11.68 22.78 -14.68
N LEU C 79 12.27 23.87 -15.16
CA LEU C 79 11.90 25.20 -14.68
C LEU C 79 10.45 25.55 -15.01
N ALA C 80 9.85 24.86 -15.98
CA ALA C 80 8.49 25.16 -16.41
C ALA C 80 7.44 24.44 -15.59
N GLY C 81 7.79 23.96 -14.40
CA GLY C 81 6.85 23.27 -13.55
C GLY C 81 6.94 21.76 -13.69
N PRO C 82 5.91 21.06 -13.25
CA PRO C 82 5.91 19.61 -13.36
C PRO C 82 5.35 19.12 -14.70
N LEU C 83 5.46 17.81 -14.90
CA LEU C 83 5.03 17.23 -16.17
C LEU C 83 3.51 17.26 -16.32
N ARG C 84 2.78 17.14 -15.21
CA ARG C 84 1.32 17.15 -15.28
C ARG C 84 0.81 18.48 -15.81
N VAL C 85 1.36 19.60 -15.32
CA VAL C 85 0.93 20.90 -15.81
C VAL C 85 1.41 21.13 -17.23
N GLN C 86 2.66 20.76 -17.52
CA GLN C 86 3.22 20.99 -18.84
C GLN C 86 2.49 20.19 -19.91
N ALA C 87 1.86 19.08 -19.53
CA ALA C 87 1.05 18.33 -20.47
C ALA C 87 -0.18 19.12 -20.89
N ASN C 88 -0.78 19.85 -19.95
CA ASN C 88 -1.99 20.61 -20.24
C ASN C 88 -1.75 21.76 -21.21
N ASN C 89 -0.49 22.18 -21.37
CA ASN C 89 -0.19 23.27 -22.28
C ASN C 89 -0.50 22.84 -23.71
N PRO C 90 -1.25 23.64 -24.48
CA PRO C 90 -1.66 23.24 -25.82
C PRO C 90 -0.55 23.23 -26.87
N GLN C 91 0.56 23.92 -26.61
CA GLN C 91 1.66 23.96 -27.55
C GLN C 91 2.71 22.87 -27.30
N GLN C 92 2.56 22.08 -26.25
CA GLN C 92 3.51 21.02 -25.93
C GLN C 92 2.92 19.68 -26.38
N GLN C 93 3.07 19.40 -27.68
CA GLN C 93 2.52 18.16 -28.23
C GLN C 93 3.34 16.95 -27.77
N GLY C 94 4.67 17.04 -27.86
CA GLY C 94 5.51 15.89 -27.53
C GLY C 94 5.44 15.52 -26.07
N LEU C 95 5.46 16.52 -25.18
CA LEU C 95 5.29 16.25 -23.76
C LEU C 95 3.92 15.65 -23.47
N ARG C 96 2.90 16.10 -24.18
CA ARG C 96 1.58 15.51 -24.03
C ARG C 96 1.59 14.04 -24.42
N ARG C 97 2.23 13.71 -25.55
CA ARG C 97 2.35 12.32 -25.96
C ARG C 97 3.06 11.49 -24.91
N GLU C 98 4.16 12.03 -24.37
CA GLU C 98 4.93 11.28 -23.38
C GLU C 98 4.14 11.08 -22.10
N TYR C 99 3.39 12.09 -21.67
CA TYR C 99 2.57 11.93 -20.47
C TYR C 99 1.45 10.94 -20.69
N GLN C 100 0.85 10.93 -21.88
CA GLN C 100 -0.17 9.92 -22.18
C GLN C 100 0.44 8.53 -22.14
N GLN C 101 1.64 8.36 -22.69
CA GLN C 101 2.29 7.05 -22.66
C GLN C 101 2.58 6.62 -21.24
N LEU C 102 3.05 7.54 -20.39
CA LEU C 102 3.29 7.22 -18.99
C LEU C 102 1.98 6.87 -18.27
N TRP C 103 0.91 7.61 -18.58
CA TRP C 103 -0.39 7.33 -17.99
C TRP C 103 -0.87 5.93 -18.35
N LEU C 104 -0.72 5.55 -19.62
CA LEU C 104 -1.10 4.21 -20.04
C LEU C 104 -0.25 3.14 -19.37
N ALA C 105 1.06 3.39 -19.27
CA ALA C 105 1.95 2.40 -18.66
C ALA C 105 1.73 2.27 -17.17
N ALA C 106 1.21 3.32 -16.51
CA ALA C 106 0.92 3.22 -15.09
C ALA C 106 -0.22 2.23 -14.81
N PHE C 107 -1.02 1.92 -15.82
CA PHE C 107 -2.08 0.94 -15.66
C PHE C 107 -1.58 -0.50 -15.67
N ALA C 108 -0.35 -0.72 -16.13
CA ALA C 108 0.15 -2.09 -16.25
C ALA C 108 0.36 -2.75 -14.89
N ALA C 109 0.76 -1.97 -13.89
CA ALA C 109 1.05 -2.51 -12.57
C ALA C 109 -0.17 -2.67 -11.69
N LEU C 110 -1.30 -2.05 -12.05
CA LEU C 110 -2.50 -2.18 -11.22
C LEU C 110 -2.97 -3.62 -11.09
N PRO C 111 -3.05 -4.43 -12.16
CA PRO C 111 -3.35 -5.85 -11.96
C PRO C 111 -2.10 -6.65 -11.64
N GLY C 112 -0.94 -6.15 -12.08
CA GLY C 112 0.31 -6.82 -11.81
C GLY C 112 0.75 -6.72 -10.36
N SER C 113 0.28 -5.71 -9.64
CA SER C 113 0.57 -5.56 -8.22
C SER C 113 -0.68 -5.71 -7.36
N ALA C 114 -1.82 -6.06 -7.96
CA ALA C 114 -3.03 -6.30 -7.19
C ALA C 114 -2.86 -7.55 -6.32
N LYS C 115 -3.58 -7.58 -5.21
CA LYS C 115 -3.49 -8.66 -4.24
C LYS C 115 -4.79 -9.46 -4.28
N ASP C 116 -4.66 -10.77 -4.51
CA ASP C 116 -5.78 -11.71 -4.50
C ASP C 116 -6.92 -11.22 -5.38
N PRO C 117 -6.77 -11.28 -6.70
CA PRO C 117 -7.78 -10.70 -7.59
C PRO C 117 -9.01 -11.60 -7.70
N SER C 118 -10.03 -11.06 -8.36
CA SER C 118 -11.31 -11.76 -8.48
C SER C 118 -11.21 -13.03 -9.29
N TRP C 119 -10.34 -13.05 -10.31
CA TRP C 119 -10.23 -14.24 -11.15
C TRP C 119 -9.67 -15.43 -10.38
N ALA C 120 -8.96 -15.17 -9.28
CA ALA C 120 -8.50 -16.25 -8.42
C ALA C 120 -9.64 -16.84 -7.60
N SER C 121 -10.71 -16.07 -7.37
CA SER C 121 -11.86 -16.54 -6.62
C SER C 121 -12.90 -17.24 -7.48
N ILE C 122 -12.53 -17.67 -8.68
CA ILE C 122 -13.46 -18.36 -9.56
C ILE C 122 -13.45 -19.84 -9.21
N LEU C 123 -14.24 -20.22 -8.21
CA LEU C 123 -14.37 -21.62 -7.85
C LEU C 123 -15.50 -22.26 -8.64
N GLN C 124 -15.23 -23.45 -9.17
CA GLN C 124 -16.25 -24.16 -9.91
C GLN C 124 -17.40 -24.55 -9.00
N GLY C 125 -18.63 -24.40 -9.51
CA GLY C 125 -19.79 -24.72 -8.72
C GLY C 125 -19.87 -26.19 -8.39
N LEU C 126 -20.57 -26.49 -7.28
CA LEU C 126 -20.69 -27.88 -6.83
C LEU C 126 -21.41 -28.74 -7.86
N GLU C 127 -22.31 -28.17 -8.66
CA GLU C 127 -22.97 -28.89 -9.74
C GLU C 127 -22.80 -28.20 -11.09
N GLU C 128 -21.97 -27.17 -11.15
CA GLU C 128 -21.69 -26.50 -12.41
C GLU C 128 -20.83 -27.39 -13.30
N PRO C 129 -21.20 -27.59 -14.57
CA PRO C 129 -20.43 -28.49 -15.42
C PRO C 129 -19.12 -27.88 -15.87
N TYR C 130 -18.15 -28.77 -16.11
CA TYR C 130 -16.77 -28.34 -16.33
C TYR C 130 -16.60 -27.66 -17.69
N HIS C 131 -17.36 -28.07 -18.69
CA HIS C 131 -17.25 -27.45 -20.02
C HIS C 131 -17.61 -25.97 -19.97
N ALA C 132 -18.67 -25.63 -19.25
CA ALA C 132 -19.01 -24.22 -19.07
C ALA C 132 -18.03 -23.54 -18.12
N PHE C 133 -17.46 -24.29 -17.18
CA PHE C 133 -16.49 -23.72 -16.25
C PHE C 133 -15.24 -23.25 -16.98
N VAL C 134 -14.79 -24.00 -17.99
CA VAL C 134 -13.61 -23.59 -18.74
C VAL C 134 -13.86 -22.25 -19.42
N GLU C 135 -15.01 -22.10 -20.07
CA GLU C 135 -15.32 -20.84 -20.74
C GLU C 135 -15.45 -19.70 -19.73
N ARG C 136 -16.10 -19.97 -18.59
CA ARG C 136 -16.27 -18.92 -17.58
C ARG C 136 -14.91 -18.47 -17.04
N LEU C 137 -14.01 -19.43 -16.78
CA LEU C 137 -12.70 -19.07 -16.24
C LEU C 137 -11.84 -18.38 -17.30
N ASN C 138 -11.99 -18.76 -18.57
CA ASN C 138 -11.30 -18.04 -19.64
C ASN C 138 -11.77 -16.59 -19.69
N ILE C 139 -13.09 -16.39 -19.60
CA ILE C 139 -13.62 -15.02 -19.61
C ILE C 139 -13.12 -14.25 -18.40
N ALA C 140 -13.07 -14.89 -17.23
CA ALA C 140 -12.58 -14.22 -16.03
C ALA C 140 -11.12 -13.82 -16.18
N LEU C 141 -10.30 -14.70 -16.74
CA LEU C 141 -8.89 -14.38 -16.95
C LEU C 141 -8.73 -13.26 -17.97
N ASP C 142 -9.56 -13.25 -19.00
CA ASP C 142 -9.49 -12.20 -20.01
C ASP C 142 -9.87 -10.83 -19.47
N ASN C 143 -10.48 -10.75 -18.29
CA ASN C 143 -10.93 -9.49 -17.74
C ASN C 143 -10.21 -9.10 -16.45
N GLY C 144 -9.29 -9.92 -15.95
CA GLY C 144 -8.61 -9.60 -14.71
C GLY C 144 -7.12 -9.87 -14.73
N LEU C 145 -6.60 -10.28 -15.87
CA LEU C 145 -5.18 -10.63 -15.93
C LEU C 145 -4.41 -9.55 -16.69
N PRO C 146 -3.20 -9.20 -16.25
CA PRO C 146 -2.48 -8.07 -16.86
C PRO C 146 -1.97 -8.42 -18.25
N GLU C 147 -1.60 -7.37 -18.98
CA GLU C 147 -1.04 -7.52 -20.31
C GLU C 147 0.35 -8.17 -20.23
N GLY C 148 0.72 -8.88 -21.29
CA GLY C 148 1.99 -9.56 -21.33
C GLY C 148 2.07 -10.80 -20.46
N THR C 149 0.94 -11.30 -19.99
CA THR C 149 0.88 -12.45 -19.10
C THR C 149 1.15 -13.75 -19.86
N PRO C 150 1.74 -14.74 -19.20
CA PRO C 150 1.76 -16.11 -19.76
C PRO C 150 0.49 -16.85 -19.36
N LYS C 151 -0.60 -16.51 -20.06
CA LYS C 151 -1.94 -16.88 -19.61
C LYS C 151 -2.14 -18.39 -19.61
N ASP C 152 -1.62 -19.09 -20.61
CA ASP C 152 -2.00 -20.50 -20.79
C ASP C 152 -1.53 -21.40 -19.65
N PRO C 153 -0.28 -21.32 -19.17
CA PRO C 153 0.06 -22.09 -17.95
C PRO C 153 -0.85 -21.81 -16.76
N ILE C 154 -1.21 -20.55 -16.52
CA ILE C 154 -2.06 -20.22 -15.39
C ILE C 154 -3.45 -20.79 -15.59
N LEU C 155 -3.95 -20.73 -16.81
CA LEU C 155 -5.22 -21.38 -17.14
C LEU C 155 -5.15 -22.88 -16.89
N ARG C 156 -4.04 -23.50 -17.28
CA ARG C 156 -3.86 -24.93 -17.08
C ARG C 156 -3.90 -25.30 -15.61
N SER C 157 -3.23 -24.50 -14.77
CA SER C 157 -3.21 -24.80 -13.34
C SER C 157 -4.54 -24.50 -12.68
N LEU C 158 -5.19 -23.40 -13.09
CA LEU C 158 -6.46 -23.02 -12.49
C LEU C 158 -7.57 -23.98 -12.90
N ALA C 159 -7.40 -24.69 -14.02
CA ALA C 159 -8.37 -25.70 -14.41
C ALA C 159 -8.44 -26.84 -13.39
N TYR C 160 -7.41 -27.02 -12.57
CA TYR C 160 -7.40 -28.05 -11.54
C TYR C 160 -7.56 -27.46 -10.15
N SER C 161 -6.80 -26.42 -9.82
CA SER C 161 -6.82 -25.87 -8.47
C SER C 161 -8.21 -25.35 -8.09
N ASN C 162 -8.89 -24.70 -9.04
CA ASN C 162 -10.22 -24.16 -8.82
C ASN C 162 -11.31 -25.07 -9.35
N ALA C 163 -10.98 -26.30 -9.71
CA ALA C 163 -11.96 -27.20 -10.31
C ALA C 163 -13.01 -27.61 -9.28
N ASN C 164 -14.00 -28.36 -9.76
CA ASN C 164 -15.03 -28.89 -8.89
C ASN C 164 -14.42 -29.87 -7.90
N LYS C 165 -15.03 -29.96 -6.72
CA LYS C 165 -14.52 -30.84 -5.67
C LYS C 165 -14.43 -32.29 -6.14
N GLU C 166 -15.42 -32.75 -6.93
CA GLU C 166 -15.31 -34.07 -7.53
C GLU C 166 -14.34 -34.09 -8.69
N CYS C 167 -14.29 -32.99 -9.46
CA CYS C 167 -13.34 -32.91 -10.56
C CYS C 167 -11.90 -32.92 -10.07
N GLN C 168 -11.67 -32.45 -8.84
CA GLN C 168 -10.33 -32.51 -8.27
C GLN C 168 -9.83 -33.95 -8.19
N LYS C 169 -10.73 -34.90 -7.95
CA LYS C 169 -10.36 -36.31 -7.97
C LYS C 169 -10.40 -36.86 -9.39
N LEU C 170 -11.40 -36.43 -10.17
CA LEU C 170 -11.60 -36.98 -11.51
C LEU C 170 -10.40 -36.72 -12.42
N LEU C 171 -9.85 -35.50 -12.37
CA LEU C 171 -8.72 -35.16 -13.22
C LEU C 171 -7.50 -36.02 -12.92
N GLN C 172 -7.22 -36.27 -11.64
CA GLN C 172 -6.13 -37.18 -11.29
C GLN C 172 -6.46 -38.61 -11.67
N ALA C 173 -7.74 -38.99 -11.59
CA ALA C 173 -8.13 -40.36 -11.91
C ALA C 173 -7.86 -40.69 -13.37
N ARG C 174 -8.16 -39.78 -14.28
CA ARG C 174 -7.88 -40.01 -15.69
C ARG C 174 -6.45 -39.67 -16.08
N GLY C 175 -5.66 -39.14 -15.14
CA GLY C 175 -4.27 -38.84 -15.40
C GLY C 175 -4.05 -37.76 -16.44
N HIS C 176 -4.64 -36.58 -16.20
CA HIS C 176 -4.52 -35.48 -17.14
C HIS C 176 -4.26 -34.15 -16.42
N THR C 177 -3.70 -34.21 -15.21
CA THR C 177 -3.46 -32.99 -14.44
C THR C 177 -2.40 -32.11 -15.10
N ASN C 178 -1.31 -32.72 -15.56
CA ASN C 178 -0.20 -31.97 -16.14
C ASN C 178 -0.28 -31.84 -17.64
N SER C 179 -1.33 -32.37 -18.27
CA SER C 179 -1.48 -32.30 -19.72
C SER C 179 -2.03 -30.93 -20.11
N PRO C 180 -1.94 -30.57 -21.41
CA PRO C 180 -2.52 -29.30 -21.86
C PRO C 180 -4.02 -29.18 -21.60
N LEU C 181 -4.57 -27.99 -21.86
CA LEU C 181 -5.96 -27.72 -21.54
C LEU C 181 -6.91 -28.60 -22.34
N GLY C 182 -6.61 -28.86 -23.62
CA GLY C 182 -7.47 -29.69 -24.43
C GLY C 182 -7.60 -31.10 -23.89
N ASP C 183 -6.52 -31.62 -23.30
CA ASP C 183 -6.58 -32.96 -22.72
C ASP C 183 -7.55 -33.03 -21.55
N MET C 184 -7.57 -32.01 -20.69
CA MET C 184 -8.55 -32.00 -19.61
C MET C 184 -9.96 -31.74 -20.13
N LEU C 185 -10.07 -30.93 -21.20
CA LEU C 185 -11.38 -30.72 -21.81
C LEU C 185 -11.97 -32.03 -22.32
N ARG C 186 -11.13 -32.85 -22.96
CA ARG C 186 -11.57 -34.18 -23.37
C ARG C 186 -11.84 -35.08 -22.16
N ALA C 187 -11.01 -34.96 -21.13
CA ALA C 187 -11.12 -35.84 -19.97
C ALA C 187 -12.43 -35.61 -19.21
N CYS C 188 -12.82 -34.35 -19.03
CA CYS C 188 -13.99 -34.02 -18.22
C CYS C 188 -15.27 -33.94 -19.04
N GLN C 189 -15.23 -34.30 -20.32
CA GLN C 189 -16.43 -34.23 -21.15
C GLN C 189 -17.53 -35.16 -20.64
N THR C 190 -17.15 -36.28 -20.03
CA THR C 190 -18.12 -37.27 -19.57
C THR C 190 -18.66 -36.99 -18.17
N TRP C 191 -18.10 -36.02 -17.46
CA TRP C 191 -18.54 -35.76 -16.09
C TRP C 191 -19.93 -35.15 -16.06
N THR C 192 -20.68 -35.49 -15.00
CA THR C 192 -22.00 -34.94 -14.76
C THR C 192 -22.23 -34.92 -13.26
N PRO C 193 -22.94 -33.91 -12.72
CA PRO C 193 -23.21 -33.85 -11.28
C PRO C 193 -24.14 -34.97 -10.81
#